data_4KUJ
#
_entry.id   4KUJ
#
_cell.length_a   51.057
_cell.length_b   89.634
_cell.length_c   122.920
_cell.angle_alpha   90.00
_cell.angle_beta   90.00
_cell.angle_gamma   90.00
#
_symmetry.space_group_name_H-M   'P 21 21 21'
#
loop_
_entity.id
_entity.type
_entity.pdbx_description
1 polymer 'Protein kinase, putative'
2 non-polymer 'ZINC ION'
3 non-polymer DI(HYDROXYETHYL)ETHER
4 water water
#
_entity_poly.entity_id   1
_entity_poly.type   'polypeptide(L)'
_entity_poly.pdbx_seq_one_letter_code
;MSRDMMVDPLLSEKEPQYQTQVSGYIITVPNETTQIRKFLASNQRINQFLFQHSTFRVELAPFAKGGERLAFRAINGRGD
RIVLKRFFQQRPLTMLLETIERQLICIYLANIFNKLNVSPNKLHFLPNYLFIPSPTKDLDGKILTLEQTEQAVAATCRTP
NFVEPYLSGYFIKYIDNNGWINESEFHSTLHAFAHWTWVHTKGALLICDIQGVNANNKFYLTDPALHHIDQNKFIYSETN
LGEVGISQFFRTHQCNAICQGLHLPKHKEQVLPD(TPO)TKG(TPO)TLEHHHHHH
;
_entity_poly.pdbx_strand_id   A,B
#
# COMPACT_ATOMS: atom_id res chain seq x y z
N TYR A 18 3.40 -28.49 -7.72
CA TYR A 18 2.88 -29.07 -6.45
C TYR A 18 2.96 -28.08 -5.30
N GLN A 19 1.96 -28.17 -4.44
CA GLN A 19 1.89 -27.34 -3.25
C GLN A 19 1.21 -28.07 -2.10
N THR A 20 1.57 -27.69 -0.88
CA THR A 20 0.80 -28.10 0.29
C THR A 20 0.54 -26.93 1.26
N GLN A 21 -0.23 -27.22 2.32
CA GLN A 21 -0.52 -26.28 3.38
C GLN A 21 0.54 -26.44 4.44
N VAL A 22 1.05 -25.32 4.93
CA VAL A 22 1.93 -25.38 6.11
C VAL A 22 1.40 -24.40 7.16
N SER A 23 1.25 -24.89 8.38
CA SER A 23 0.75 -24.04 9.45
C SER A 23 1.83 -23.83 10.50
N GLY A 24 1.86 -22.68 11.13
CA GLY A 24 2.80 -22.45 12.21
C GLY A 24 2.81 -21.00 12.62
N TYR A 25 3.99 -20.51 12.97
CA TYR A 25 4.12 -19.17 13.49
C TYR A 25 4.96 -18.26 12.63
N ILE A 26 4.41 -17.08 12.39
CA ILE A 26 5.15 -15.96 11.88
C ILE A 26 5.81 -15.30 13.09
N ILE A 27 7.08 -14.93 12.97
CA ILE A 27 7.80 -14.36 14.09
C ILE A 27 8.31 -13.00 13.65
N THR A 28 7.83 -11.97 14.35
CA THR A 28 8.23 -10.58 14.11
C THR A 28 8.75 -9.95 15.40
N VAL A 29 9.11 -8.67 15.31
CA VAL A 29 9.57 -7.93 16.48
C VAL A 29 8.52 -6.91 16.84
N PRO A 30 7.90 -7.02 18.05
CA PRO A 30 6.91 -6.05 18.49
C PRO A 30 7.58 -4.71 18.82
N ASN A 31 6.84 -3.62 18.67
CA ASN A 31 7.36 -2.25 18.86
C ASN A 31 8.73 -2.04 18.20
N GLU A 32 8.76 -2.28 16.89
CA GLU A 32 10.01 -2.30 16.10
C GLU A 32 10.83 -1.05 16.33
N THR A 33 10.16 0.09 16.15
CA THR A 33 10.81 1.39 16.18
C THR A 33 11.58 1.55 17.48
N THR A 34 10.90 1.26 18.58
CA THR A 34 11.47 1.38 19.93
C THR A 34 12.60 0.37 20.14
N GLN A 35 12.40 -0.85 19.66
CA GLN A 35 13.43 -1.86 19.81
C GLN A 35 14.67 -1.47 19.04
N ILE A 36 14.46 -0.93 17.84
CA ILE A 36 15.57 -0.61 16.97
C ILE A 36 16.30 0.62 17.50
N ARG A 37 15.54 1.66 17.84
CA ARG A 37 16.09 2.85 18.50
C ARG A 37 16.98 2.40 19.67
N LYS A 38 16.48 1.49 20.51
CA LYS A 38 17.28 1.00 21.64
C LYS A 38 18.52 0.23 21.21
N PHE A 39 18.36 -0.70 20.25
CA PHE A 39 19.51 -1.44 19.71
C PHE A 39 20.61 -0.51 19.20
N LEU A 40 20.22 0.56 18.51
CA LEU A 40 21.23 1.46 17.93
C LEU A 40 21.96 2.23 19.04
N ALA A 41 21.18 2.78 19.98
CA ALA A 41 21.66 3.73 20.99
C ALA A 41 22.49 3.03 22.06
N SER A 42 21.90 2.00 22.66
CA SER A 42 22.60 1.21 23.66
C SER A 42 23.37 0.16 22.89
N ASN A 43 23.84 -0.86 23.57
CA ASN A 43 24.36 -2.01 22.85
C ASN A 43 23.60 -3.30 23.23
N GLN A 44 22.28 -3.27 23.15
CA GLN A 44 21.50 -4.42 23.58
C GLN A 44 20.64 -4.99 22.47
N ARG A 45 20.86 -6.28 22.19
CA ARG A 45 20.22 -6.92 21.05
C ARG A 45 18.74 -7.00 21.36
N ILE A 46 17.96 -7.21 20.32
CA ILE A 46 16.53 -7.43 20.43
C ILE A 46 16.29 -8.74 21.19
N ASN A 47 15.39 -8.67 22.16
CA ASN A 47 15.16 -9.76 23.06
C ASN A 47 13.66 -9.95 23.26
N GLN A 48 12.88 -9.57 22.26
CA GLN A 48 11.44 -9.65 22.27
C GLN A 48 10.94 -9.98 20.85
N PHE A 49 10.19 -11.08 20.74
CA PHE A 49 9.73 -11.61 19.45
C PHE A 49 8.27 -11.98 19.60
N LEU A 50 7.44 -11.45 18.71
CA LEU A 50 6.00 -11.74 18.68
C LEU A 50 5.70 -12.93 17.76
N PHE A 51 4.96 -13.90 18.30
CA PHE A 51 4.54 -15.08 17.54
C PHE A 51 3.09 -14.87 17.12
N GLN A 52 2.80 -15.13 15.86
CA GLN A 52 1.45 -15.03 15.34
C GLN A 52 1.15 -16.28 14.50
N HIS A 53 0.05 -16.95 14.80
CA HIS A 53 -0.25 -18.17 14.09
C HIS A 53 -0.62 -17.83 12.68
N SER A 54 -0.22 -18.71 11.75
CA SER A 54 -0.49 -18.48 10.34
C SER A 54 -0.41 -19.76 9.51
N THR A 55 -1.16 -19.76 8.41
CA THR A 55 -1.15 -20.88 7.46
C THR A 55 -0.79 -20.37 6.07
N PHE A 56 0.25 -20.97 5.49
CA PHE A 56 0.67 -20.68 4.13
C PHE A 56 0.38 -21.83 3.19
N ARG A 57 0.16 -21.51 1.93
CA ARG A 57 0.19 -22.50 0.87
C ARG A 57 1.55 -22.34 0.20
N VAL A 58 2.35 -23.41 0.19
CA VAL A 58 3.73 -23.32 -0.28
C VAL A 58 4.02 -24.30 -1.41
N GLU A 59 4.67 -23.80 -2.46
CA GLU A 59 5.26 -24.65 -3.50
C GLU A 59 6.34 -25.52 -2.93
N LEU A 60 6.33 -26.78 -3.36
CA LEU A 60 7.34 -27.75 -2.94
C LEU A 60 8.69 -27.56 -3.63
N ALA A 61 8.66 -27.03 -4.85
CA ALA A 61 9.90 -26.83 -5.63
C ALA A 61 10.35 -25.38 -5.57
N PRO A 62 11.65 -25.15 -5.29
CA PRO A 62 12.18 -23.79 -5.23
C PRO A 62 12.23 -23.19 -6.64
N PHE A 63 11.84 -21.92 -6.78
CA PHE A 63 11.85 -21.26 -8.10
C PHE A 63 13.19 -20.57 -8.40
N ALA A 64 14.01 -20.41 -7.37
CA ALA A 64 15.30 -19.72 -7.51
C ALA A 64 16.26 -20.09 -6.39
N LYS A 65 17.54 -19.85 -6.64
CA LYS A 65 18.59 -19.98 -5.62
C LYS A 65 19.77 -19.07 -5.95
N GLY A 66 20.55 -18.77 -4.93
CA GLY A 66 21.66 -17.84 -5.09
C GLY A 66 21.84 -17.02 -3.82
N GLY A 67 22.91 -16.22 -3.80
CA GLY A 67 23.31 -15.52 -2.59
C GLY A 67 23.28 -16.46 -1.40
N GLU A 68 23.65 -17.73 -1.65
CA GLU A 68 23.78 -18.80 -0.63
C GLU A 68 22.45 -19.41 -0.13
N ARG A 69 21.35 -19.24 -0.87
CA ARG A 69 20.03 -19.65 -0.34
C ARG A 69 18.87 -19.91 -1.34
N LEU A 70 17.97 -20.83 -0.96
CA LEU A 70 16.81 -21.26 -1.77
C LEU A 70 15.58 -20.38 -1.61
N ALA A 71 14.73 -20.33 -2.64
CA ALA A 71 13.51 -19.50 -2.62
C ALA A 71 12.28 -20.22 -3.15
N PHE A 72 11.21 -20.20 -2.34
CA PHE A 72 9.96 -20.91 -2.64
C PHE A 72 8.83 -19.89 -2.72
N ARG A 73 7.97 -20.04 -3.72
CA ARG A 73 6.78 -19.22 -3.77
C ARG A 73 5.78 -19.74 -2.76
N ALA A 74 4.98 -18.82 -2.21
CA ALA A 74 3.94 -19.18 -1.27
C ALA A 74 2.82 -18.14 -1.29
N ILE A 75 1.67 -18.51 -0.71
CA ILE A 75 0.51 -17.62 -0.54
C ILE A 75 0.22 -17.61 0.96
N ASN A 76 0.08 -16.42 1.56
CA ASN A 76 -0.11 -16.36 3.02
C ASN A 76 -1.55 -16.56 3.53
N GLY A 77 -2.48 -16.88 2.64
CA GLY A 77 -3.82 -17.23 3.11
C GLY A 77 -4.71 -16.01 3.30
N ARG A 78 -4.11 -14.90 3.74
CA ARG A 78 -4.72 -13.59 3.48
C ARG A 78 -4.56 -13.31 1.97
N GLY A 79 -4.09 -14.31 1.24
CA GLY A 79 -4.01 -14.26 -0.22
C GLY A 79 -2.78 -13.63 -0.84
N ASP A 80 -1.96 -12.97 0.00
CA ASP A 80 -0.78 -12.24 -0.48
C ASP A 80 0.28 -13.21 -0.99
N ARG A 81 0.99 -12.81 -2.04
CA ARG A 81 2.10 -13.60 -2.55
C ARG A 81 3.33 -13.29 -1.70
N ILE A 82 4.03 -14.34 -1.28
CA ILE A 82 5.22 -14.17 -0.46
C ILE A 82 6.28 -15.11 -1.00
N VAL A 83 7.50 -14.95 -0.50
CA VAL A 83 8.62 -15.79 -0.85
C VAL A 83 9.18 -16.32 0.46
N LEU A 84 9.39 -17.62 0.53
CA LEU A 84 10.06 -18.23 1.67
C LEU A 84 11.49 -18.54 1.29
N LYS A 85 12.44 -18.01 2.05
CA LYS A 85 13.84 -18.25 1.79
C LYS A 85 14.48 -19.01 2.95
N ARG A 86 15.58 -19.68 2.63
CA ARG A 86 16.36 -20.43 3.61
C ARG A 86 17.77 -20.70 3.06
N PHE A 87 18.74 -20.65 3.97
CA PHE A 87 20.10 -21.10 3.64
C PHE A 87 20.09 -22.58 3.29
N PHE A 88 21.09 -23.01 2.53
CA PHE A 88 21.18 -24.39 2.03
C PHE A 88 21.08 -25.49 3.11
N GLN A 89 21.70 -25.27 4.27
CA GLN A 89 21.59 -26.20 5.42
C GLN A 89 21.43 -25.46 6.76
N GLN A 90 21.43 -26.21 7.86
CA GLN A 90 21.13 -25.65 9.18
C GLN A 90 22.02 -24.45 9.59
N ARG A 91 21.38 -23.48 10.23
CA ARG A 91 22.04 -22.26 10.72
C ARG A 91 21.47 -21.97 12.10
N PRO A 92 22.28 -21.41 13.01
CA PRO A 92 21.74 -21.10 14.34
C PRO A 92 20.78 -19.93 14.23
N LEU A 93 19.78 -19.89 15.13
CA LEU A 93 18.82 -18.80 15.15
C LEU A 93 19.49 -17.44 15.16
N THR A 94 20.52 -17.27 16.00
CA THR A 94 21.20 -15.97 16.17
C THR A 94 21.82 -15.45 14.86
N MET A 95 22.35 -16.34 14.03
CA MET A 95 22.77 -15.95 12.66
C MET A 95 21.61 -15.44 11.82
N LEU A 96 20.51 -16.20 11.79
CA LEU A 96 19.35 -15.78 10.99
C LEU A 96 18.81 -14.45 11.50
N LEU A 97 18.85 -14.26 12.81
CA LEU A 97 18.34 -13.02 13.41
C LEU A 97 19.12 -11.79 12.98
N GLU A 98 20.40 -11.95 12.63
CA GLU A 98 21.15 -10.84 12.04
C GLU A 98 20.48 -10.30 10.79
N THR A 99 20.01 -11.19 9.91
CA THR A 99 19.31 -10.73 8.71
C THR A 99 18.09 -9.90 9.08
N ILE A 100 17.35 -10.36 10.09
CA ILE A 100 16.13 -9.68 10.55
C ILE A 100 16.44 -8.32 11.20
N GLU A 101 17.43 -8.30 12.09
CA GLU A 101 17.86 -7.08 12.76
C GLU A 101 18.38 -6.05 11.74
N ARG A 102 19.17 -6.52 10.78
CA ARG A 102 19.59 -5.64 9.69
C ARG A 102 18.41 -5.05 8.91
N GLN A 103 17.48 -5.89 8.47
CA GLN A 103 16.35 -5.40 7.71
C GLN A 103 15.55 -4.37 8.51
N LEU A 104 15.38 -4.61 9.81
CA LEU A 104 14.58 -3.73 10.65
C LEU A 104 15.25 -2.37 10.82
N ILE A 105 16.57 -2.37 10.95
CA ILE A 105 17.36 -1.12 10.92
C ILE A 105 17.15 -0.35 9.61
N CYS A 106 17.24 -1.06 8.48
CA CYS A 106 17.07 -0.43 7.20
C CYS A 106 15.68 0.17 7.05
N ILE A 107 14.67 -0.54 7.56
CA ILE A 107 13.27 -0.04 7.48
C ILE A 107 13.09 1.20 8.38
N TYR A 108 13.63 1.11 9.59
CA TYR A 108 13.63 2.21 10.53
C TYR A 108 14.24 3.45 9.87
N LEU A 109 15.41 3.28 9.27
CA LEU A 109 16.16 4.41 8.68
C LEU A 109 15.47 4.99 7.46
N ALA A 110 15.01 4.12 6.56
CA ALA A 110 14.31 4.60 5.39
C ALA A 110 12.99 5.29 5.72
N ASN A 111 12.30 4.82 6.75
CA ASN A 111 11.05 5.45 7.19
C ASN A 111 11.29 6.88 7.65
N ILE A 112 12.33 7.09 8.46
CA ILE A 112 12.70 8.45 8.90
C ILE A 112 13.13 9.28 7.69
N PHE A 113 14.00 8.71 6.88
CA PHE A 113 14.48 9.38 5.67
C PHE A 113 13.35 9.86 4.76
N ASN A 114 12.40 8.97 4.47
CA ASN A 114 11.20 9.34 3.71
C ASN A 114 10.42 10.48 4.38
N LYS A 115 10.36 10.45 5.71
CA LYS A 115 9.63 11.48 6.46
C LYS A 115 10.27 12.84 6.33
N LEU A 116 11.58 12.90 6.08
CA LEU A 116 12.22 14.20 5.75
C LEU A 116 11.70 14.83 4.45
N ASN A 117 11.05 14.03 3.60
CA ASN A 117 10.51 14.49 2.31
C ASN A 117 11.49 15.41 1.55
N VAL A 118 12.76 15.02 1.53
CA VAL A 118 13.76 15.73 0.70
C VAL A 118 13.77 15.21 -0.73
N SER A 119 13.09 14.12 -0.99
CA SER A 119 13.02 13.62 -2.36
C SER A 119 11.61 13.15 -2.70
N PRO A 120 11.19 13.29 -3.97
CA PRO A 120 9.94 12.65 -4.43
C PRO A 120 10.02 11.13 -4.40
N ASN A 121 11.24 10.57 -4.35
CA ASN A 121 11.41 9.12 -4.38
C ASN A 121 11.37 8.56 -2.98
N LYS A 122 10.56 7.53 -2.78
CA LYS A 122 10.43 6.96 -1.45
C LYS A 122 11.10 5.60 -1.40
N LEU A 123 11.81 5.31 -0.31
CA LEU A 123 12.55 4.05 -0.16
C LEU A 123 11.78 3.09 0.73
N HIS A 124 11.55 1.89 0.23
CA HIS A 124 10.87 0.86 1.02
C HIS A 124 11.62 -0.42 1.01
N PHE A 125 12.21 -0.76 2.13
CA PHE A 125 12.83 -2.06 2.27
C PHE A 125 11.73 -3.11 2.52
N LEU A 126 11.81 -4.26 1.86
CA LEU A 126 10.82 -5.35 2.11
C LEU A 126 10.86 -5.80 3.56
N PRO A 127 9.69 -5.87 4.24
CA PRO A 127 9.70 -6.52 5.54
C PRO A 127 10.29 -7.92 5.42
N ASN A 128 11.03 -8.31 6.45
CA ASN A 128 11.58 -9.65 6.56
C ASN A 128 11.12 -10.24 7.89
N TYR A 129 10.52 -11.42 7.87
CA TYR A 129 10.27 -12.10 9.16
C TYR A 129 10.59 -13.57 9.10
N LEU A 130 10.36 -14.27 10.20
CA LEU A 130 10.64 -15.71 10.22
C LEU A 130 9.36 -16.50 10.28
N PHE A 131 9.43 -17.74 9.81
CA PHE A 131 8.31 -18.68 9.90
C PHE A 131 8.83 -20.03 10.34
N ILE A 132 8.18 -20.61 11.33
CA ILE A 132 8.40 -22.00 11.72
C ILE A 132 7.08 -22.78 11.69
N PRO A 133 7.11 -24.02 11.17
CA PRO A 133 5.93 -24.84 11.20
C PRO A 133 5.62 -25.28 12.63
N SER A 134 4.34 -25.47 12.94
CA SER A 134 3.89 -25.90 14.26
C SER A 134 2.54 -26.58 14.16
N PRO A 135 2.37 -27.71 14.87
CA PRO A 135 1.07 -28.37 14.92
C PRO A 135 0.12 -27.59 15.82
N THR A 136 0.68 -26.75 16.67
CA THR A 136 -0.05 -26.07 17.73
C THR A 136 -0.07 -24.55 17.55
N LYS A 137 -0.99 -23.88 18.24
CA LYS A 137 -1.15 -22.43 18.10
C LYS A 137 -1.19 -21.70 19.44
N ASP A 138 -0.75 -22.37 20.49
CA ASP A 138 -0.81 -21.77 21.84
C ASP A 138 0.06 -20.50 22.05
N LEU A 139 1.06 -20.28 21.21
CA LEU A 139 1.92 -19.09 21.36
C LEU A 139 1.35 -17.92 20.57
N ASP A 140 0.15 -18.09 20.03
CA ASP A 140 -0.40 -17.05 19.14
C ASP A 140 -0.59 -15.77 19.93
N GLY A 141 -0.05 -14.69 19.38
CA GLY A 141 -0.19 -13.36 19.98
C GLY A 141 0.71 -13.05 21.15
N LYS A 142 1.59 -13.98 21.54
CA LYS A 142 2.46 -13.83 22.71
C LYS A 142 3.86 -13.31 22.34
N ILE A 143 4.45 -12.54 23.25
CA ILE A 143 5.82 -12.04 23.07
C ILE A 143 6.79 -12.88 23.88
N LEU A 144 7.83 -13.39 23.21
CA LEU A 144 8.80 -14.29 23.80
C LEU A 144 10.18 -13.67 23.82
N THR A 145 11.02 -14.07 24.78
CA THR A 145 12.41 -13.63 24.80
C THR A 145 13.15 -14.33 23.67
N LEU A 146 14.39 -13.93 23.41
CA LEU A 146 15.25 -14.65 22.47
C LEU A 146 15.39 -16.11 22.89
N GLU A 147 15.63 -16.36 24.19
CA GLU A 147 15.76 -17.75 24.65
C GLU A 147 14.48 -18.57 24.46
N GLN A 148 13.31 -17.99 24.75
CA GLN A 148 12.05 -18.68 24.51
C GLN A 148 11.82 -18.95 23.02
N THR A 149 12.27 -18.02 22.18
CA THR A 149 12.18 -18.21 20.74
C THR A 149 13.08 -19.37 20.28
N GLU A 150 14.30 -19.44 20.83
CA GLU A 150 15.20 -20.56 20.58
C GLU A 150 14.52 -21.90 20.92
N GLN A 151 13.81 -21.94 22.06
CA GLN A 151 13.13 -23.16 22.53
C GLN A 151 11.96 -23.51 21.62
N ALA A 152 11.18 -22.51 21.20
CA ALA A 152 10.10 -22.75 20.23
C ALA A 152 10.67 -23.26 18.90
N VAL A 153 11.76 -22.66 18.41
CA VAL A 153 12.44 -23.16 17.20
C VAL A 153 12.92 -24.62 17.36
N ALA A 154 13.59 -24.90 18.48
CA ALA A 154 14.13 -26.24 18.77
C ALA A 154 13.04 -27.31 18.80
N ALA A 155 11.88 -26.96 19.35
CA ALA A 155 10.75 -27.89 19.48
C ALA A 155 10.29 -28.36 18.12
N THR A 156 10.38 -27.46 17.15
CA THR A 156 10.18 -27.77 15.72
C THR A 156 11.28 -28.65 15.14
N CYS A 157 12.49 -28.47 15.67
CA CYS A 157 13.70 -29.07 15.11
C CYS A 157 13.92 -28.79 13.61
N ARG A 158 13.60 -27.57 13.18
CA ARG A 158 13.90 -27.16 11.82
C ARG A 158 14.44 -25.74 11.82
N THR A 159 15.24 -25.42 10.81
CA THR A 159 15.70 -24.06 10.63
C THR A 159 14.49 -23.24 10.18
N PRO A 160 14.22 -22.10 10.86
CA PRO A 160 13.16 -21.22 10.40
C PRO A 160 13.39 -20.77 8.94
N ASN A 161 12.30 -20.47 8.24
CA ASN A 161 12.39 -19.84 6.92
C ASN A 161 12.38 -18.35 7.09
N PHE A 162 13.00 -17.61 6.17
CA PHE A 162 12.78 -16.17 6.03
C PHE A 162 11.51 -16.01 5.20
N VAL A 163 10.70 -15.03 5.53
CA VAL A 163 9.53 -14.70 4.73
C VAL A 163 9.61 -13.24 4.28
N GLU A 164 9.26 -12.96 3.03
CA GLU A 164 9.22 -11.57 2.54
C GLU A 164 8.14 -11.45 1.49
N PRO A 165 7.51 -10.25 1.37
CA PRO A 165 6.52 -10.15 0.29
C PRO A 165 7.19 -10.39 -1.05
N TYR A 166 6.42 -10.89 -2.00
CA TYR A 166 6.89 -11.11 -3.36
C TYR A 166 7.11 -9.76 -4.06
N LEU A 167 8.19 -9.68 -4.81
CA LEU A 167 8.56 -8.45 -5.49
C LEU A 167 8.83 -8.73 -6.96
N SER A 168 8.00 -8.16 -7.83
CA SER A 168 8.20 -8.28 -9.28
C SER A 168 8.80 -6.99 -9.88
N GLY A 169 9.42 -7.13 -11.06
CA GLY A 169 10.03 -5.97 -11.75
C GLY A 169 11.49 -6.24 -12.10
N TYR A 170 12.16 -5.24 -12.69
CA TYR A 170 13.56 -5.41 -13.05
C TYR A 170 14.46 -5.03 -11.89
N PHE A 171 15.19 -6.03 -11.40
CA PHE A 171 16.02 -5.91 -10.22
C PHE A 171 17.38 -5.31 -10.60
N ILE A 172 17.78 -4.24 -9.89
CA ILE A 172 19.06 -3.52 -10.13
C ILE A 172 19.85 -3.45 -8.81
N LYS A 173 21.16 -3.70 -8.89
CA LYS A 173 22.08 -3.42 -7.78
C LYS A 173 22.65 -2.00 -8.02
N TYR A 174 22.23 -1.04 -7.20
CA TYR A 174 22.53 0.37 -7.41
C TYR A 174 23.89 0.78 -6.83
N ILE A 175 24.21 0.21 -5.66
CA ILE A 175 25.41 0.52 -4.89
C ILE A 175 25.81 -0.83 -4.28
N ASP A 176 27.09 -1.19 -4.28
CA ASP A 176 27.45 -2.45 -3.60
C ASP A 176 27.95 -2.15 -2.17
N ASN A 177 28.68 -3.07 -1.55
CA ASN A 177 29.15 -2.91 -0.17
C ASN A 177 30.65 -2.60 -0.11
N ASN A 178 31.17 -2.03 -1.19
CA ASN A 178 32.62 -1.85 -1.30
C ASN A 178 33.00 -0.68 -2.22
N GLY A 179 32.14 0.35 -2.27
CA GLY A 179 32.52 1.57 -2.99
C GLY A 179 32.13 1.61 -4.45
N TRP A 180 31.50 0.54 -4.94
CA TRP A 180 31.07 0.53 -6.35
C TRP A 180 29.71 1.16 -6.58
N ILE A 181 29.60 1.88 -7.69
CA ILE A 181 28.42 2.66 -8.02
C ILE A 181 27.89 2.27 -9.41
N ASN A 182 26.61 1.84 -9.51
CA ASN A 182 25.98 1.72 -10.84
C ASN A 182 25.75 3.10 -11.49
N GLU A 183 26.37 3.32 -12.64
CA GLU A 183 26.37 4.64 -13.28
C GLU A 183 25.11 5.00 -14.04
N SER A 184 24.65 4.08 -14.90
CA SER A 184 23.51 4.33 -15.79
C SER A 184 22.20 4.45 -15.01
N GLU A 185 22.02 3.62 -13.98
CA GLU A 185 20.87 3.71 -13.11
C GLU A 185 21.14 4.48 -11.81
N PHE A 186 21.80 5.61 -11.93
CA PHE A 186 22.14 6.45 -10.79
C PHE A 186 20.91 7.16 -10.25
N HIS A 187 20.73 7.12 -8.94
CA HIS A 187 19.67 7.86 -8.27
C HIS A 187 20.26 8.56 -7.08
N SER A 188 20.22 9.88 -7.10
CA SER A 188 20.83 10.65 -6.05
C SER A 188 20.15 10.38 -4.71
N THR A 189 18.85 10.08 -4.73
CA THR A 189 18.13 9.73 -3.48
C THR A 189 18.80 8.56 -2.72
N LEU A 190 19.21 7.52 -3.45
CA LEU A 190 19.80 6.34 -2.84
C LEU A 190 21.17 6.63 -2.26
N HIS A 191 21.96 7.42 -3.00
CA HIS A 191 23.29 7.79 -2.49
C HIS A 191 23.20 8.68 -1.30
N ALA A 192 22.25 9.61 -1.30
CA ALA A 192 22.13 10.50 -0.14
C ALA A 192 21.61 9.71 1.09
N PHE A 193 20.75 8.73 0.81
CA PHE A 193 20.26 7.87 1.90
C PHE A 193 21.43 7.18 2.59
N ALA A 194 22.32 6.57 1.79
CA ALA A 194 23.42 5.83 2.36
C ALA A 194 24.29 6.77 3.23
N HIS A 195 24.69 7.90 2.67
CA HIS A 195 25.45 8.90 3.45
C HIS A 195 24.71 9.25 4.73
N TRP A 196 23.42 9.56 4.60
CA TRP A 196 22.57 9.94 5.73
C TRP A 196 22.53 8.87 6.81
N THR A 197 22.53 7.58 6.42
CA THR A 197 22.46 6.52 7.46
C THR A 197 23.63 6.65 8.40
N TRP A 198 24.80 6.97 7.83
CA TRP A 198 26.01 7.14 8.64
C TRP A 198 25.89 8.38 9.50
N VAL A 199 25.28 9.44 8.96
CA VAL A 199 25.10 10.65 9.74
C VAL A 199 24.12 10.41 10.91
N HIS A 200 22.98 9.80 10.61
CA HIS A 200 21.95 9.55 11.60
C HIS A 200 22.40 8.66 12.75
N THR A 201 23.27 7.69 12.46
CA THR A 201 23.77 6.78 13.48
C THR A 201 25.10 7.26 14.06
N LYS A 202 25.43 8.54 13.83
CA LYS A 202 26.60 9.20 14.46
C LYS A 202 27.91 8.52 14.08
N GLY A 203 27.98 7.94 12.88
CA GLY A 203 29.24 7.36 12.41
C GLY A 203 29.36 5.86 12.62
N ALA A 204 28.38 5.27 13.29
CA ALA A 204 28.49 3.87 13.74
C ALA A 204 28.25 2.83 12.63
N LEU A 205 27.39 3.14 11.66
CA LEU A 205 27.11 2.20 10.58
C LEU A 205 26.82 2.89 9.27
N LEU A 206 26.86 2.13 8.17
CA LEU A 206 26.39 2.64 6.90
C LEU A 206 25.62 1.56 6.15
N ILE A 207 24.49 1.92 5.57
CA ILE A 207 23.66 0.98 4.76
C ILE A 207 24.07 1.08 3.29
N CYS A 208 24.35 -0.07 2.67
CA CYS A 208 24.75 -0.11 1.28
C CYS A 208 24.24 -1.47 0.72
N ASP A 209 24.88 -2.01 -0.32
CA ASP A 209 24.24 -3.09 -1.12
C ASP A 209 22.76 -2.72 -1.37
N ILE A 210 22.55 -1.49 -1.85
CA ILE A 210 21.21 -1.01 -2.08
C ILE A 210 20.78 -1.53 -3.45
N GLN A 211 19.71 -2.30 -3.47
CA GLN A 211 19.37 -3.07 -4.63
C GLN A 211 17.89 -3.44 -4.58
N GLY A 212 17.25 -3.42 -5.75
CA GLY A 212 15.84 -3.81 -5.82
C GLY A 212 15.19 -3.25 -7.07
N VAL A 213 13.95 -2.82 -6.93
CA VAL A 213 13.09 -2.46 -8.05
C VAL A 213 12.60 -1.03 -7.91
N ASN A 214 12.75 -0.27 -8.99
CA ASN A 214 12.26 1.08 -9.12
C ASN A 214 10.93 1.06 -9.87
N ALA A 215 9.86 1.59 -9.26
CA ALA A 215 8.61 1.89 -9.98
C ALA A 215 7.85 3.01 -9.28
N ASN A 216 7.39 4.02 -10.03
CA ASN A 216 6.49 5.06 -9.50
C ASN A 216 7.04 5.89 -8.33
N ASN A 217 8.19 6.52 -8.52
CA ASN A 217 8.87 7.21 -7.41
C ASN A 217 9.01 6.33 -6.18
N LYS A 218 9.18 5.03 -6.39
CA LYS A 218 9.32 4.13 -5.26
C LYS A 218 10.41 3.09 -5.51
N PHE A 219 11.30 2.93 -4.54
CA PHE A 219 12.31 1.85 -4.57
C PHE A 219 11.93 0.77 -3.58
N TYR A 220 11.74 -0.43 -4.09
CA TYR A 220 11.46 -1.60 -3.27
C TYR A 220 12.77 -2.34 -3.16
N LEU A 221 13.33 -2.31 -1.95
CA LEU A 221 14.72 -2.72 -1.77
C LEU A 221 14.84 -3.98 -0.93
N THR A 222 15.84 -4.79 -1.26
CA THR A 222 16.00 -6.12 -0.67
C THR A 222 17.45 -6.45 -0.38
N ASP A 223 17.69 -7.38 0.53
CA ASP A 223 19.06 -7.90 0.77
C ASP A 223 20.16 -6.79 0.88
N PRO A 224 19.91 -5.75 1.71
CA PRO A 224 20.93 -4.72 1.92
C PRO A 224 22.13 -5.25 2.73
N ALA A 225 23.22 -4.49 2.72
CA ALA A 225 24.40 -4.76 3.55
C ALA A 225 24.51 -3.66 4.58
N LEU A 226 25.11 -3.97 5.72
CA LEU A 226 25.28 -3.00 6.78
C LEU A 226 26.71 -3.09 7.29
N HIS A 227 27.49 -2.00 7.17
CA HIS A 227 28.85 -1.94 7.74
C HIS A 227 28.70 -1.34 9.12
N HIS A 228 29.29 -1.97 10.15
CA HIS A 228 29.24 -1.40 11.51
C HIS A 228 30.63 -1.26 12.04
N ILE A 229 30.91 -0.16 12.74
CA ILE A 229 32.27 0.01 13.25
C ILE A 229 32.59 -0.90 14.45
N ASP A 230 31.57 -1.41 15.12
CA ASP A 230 31.75 -2.31 16.25
C ASP A 230 31.91 -3.73 15.71
N GLN A 231 33.11 -4.28 15.89
CA GLN A 231 33.50 -5.58 15.33
C GLN A 231 32.68 -6.73 15.90
N ASN A 232 31.98 -6.47 17.01
CA ASN A 232 31.10 -7.46 17.62
C ASN A 232 29.61 -7.30 17.30
N LYS A 233 29.22 -6.37 16.42
CA LYS A 233 27.78 -6.08 16.26
C LYS A 233 27.00 -6.96 15.25
N PHE A 234 27.65 -7.31 14.15
CA PHE A 234 27.02 -8.09 13.10
C PHE A 234 28.01 -9.15 12.64
N ILE A 235 28.31 -10.06 13.57
CA ILE A 235 29.44 -10.99 13.47
C ILE A 235 29.33 -12.07 12.38
N TYR A 236 28.11 -12.46 12.00
CA TYR A 236 27.92 -13.52 10.97
C TYR A 236 27.84 -13.00 9.55
N SER A 237 27.62 -11.68 9.41
CA SER A 237 27.41 -11.09 8.10
C SER A 237 28.69 -10.98 7.29
N GLU A 238 28.69 -11.68 6.17
CA GLU A 238 29.80 -11.65 5.23
C GLU A 238 29.93 -10.29 4.55
N THR A 239 28.83 -9.55 4.48
CA THR A 239 28.81 -8.26 3.76
C THR A 239 29.23 -7.06 4.65
N ASN A 240 29.26 -7.26 5.96
CA ASN A 240 29.71 -6.23 6.88
C ASN A 240 31.23 -6.11 6.84
N LEU A 241 31.75 -5.02 6.26
CA LEU A 241 33.21 -4.83 6.21
C LEU A 241 33.72 -3.79 7.22
N GLY A 242 32.88 -3.45 8.18
CA GLY A 242 33.30 -2.56 9.23
C GLY A 242 33.76 -1.19 8.75
N GLU A 243 34.71 -0.60 9.46
CA GLU A 243 35.17 0.76 9.13
C GLU A 243 35.77 0.88 7.71
N VAL A 244 36.40 -0.18 7.22
CA VAL A 244 36.89 -0.21 5.85
C VAL A 244 35.75 -0.07 4.85
N GLY A 245 34.62 -0.75 5.07
CA GLY A 245 33.52 -0.61 4.10
C GLY A 245 32.93 0.80 4.08
N ILE A 246 32.84 1.41 5.27
CA ILE A 246 32.44 2.80 5.41
C ILE A 246 33.39 3.67 4.59
N SER A 247 34.70 3.49 4.78
CA SER A 247 35.69 4.27 4.02
C SER A 247 35.55 4.07 2.53
N GLN A 248 35.31 2.82 2.14
CA GLN A 248 35.18 2.51 0.71
C GLN A 248 34.00 3.28 0.09
N PHE A 249 32.87 3.32 0.79
CA PHE A 249 31.72 4.06 0.30
C PHE A 249 32.11 5.52 0.11
N PHE A 250 32.74 6.09 1.13
CA PHE A 250 32.98 7.53 1.09
C PHE A 250 34.07 7.96 0.12
N ARG A 251 35.05 7.09 -0.14
CA ARG A 251 36.08 7.38 -1.13
C ARG A 251 35.50 7.69 -2.51
N THR A 252 34.45 6.99 -2.91
CA THR A 252 33.85 7.25 -4.20
C THR A 252 32.58 8.08 -4.13
N HIS A 253 32.16 8.47 -2.92
CA HIS A 253 30.92 9.23 -2.78
C HIS A 253 31.08 10.67 -3.17
N GLN A 254 30.12 11.21 -3.93
CA GLN A 254 30.02 12.64 -4.17
C GLN A 254 28.72 13.11 -3.55
N CYS A 255 28.77 14.09 -2.66
CA CYS A 255 27.56 14.59 -2.08
C CYS A 255 26.78 15.22 -3.20
N ASN A 256 25.49 14.90 -3.23
CA ASN A 256 24.61 15.32 -4.33
C ASN A 256 23.65 16.39 -3.82
N ALA A 257 22.72 16.82 -4.65
CA ALA A 257 21.76 17.87 -4.21
C ALA A 257 20.93 17.45 -2.97
N ILE A 258 20.70 16.15 -2.82
CA ILE A 258 19.91 15.70 -1.67
C ILE A 258 20.78 15.77 -0.40
N CYS A 259 22.02 15.30 -0.50
CA CYS A 259 23.01 15.47 0.59
C CYS A 259 23.10 16.94 1.01
N GLN A 260 23.23 17.82 0.03
CA GLN A 260 23.38 19.26 0.27
C GLN A 260 22.17 19.83 0.99
N GLY A 261 20.98 19.47 0.52
CA GLY A 261 19.71 19.93 1.13
C GLY A 261 19.56 19.43 2.56
N LEU A 262 20.19 18.30 2.86
CA LEU A 262 20.21 17.76 4.22
C LEU A 262 21.36 18.27 5.05
N HIS A 263 22.27 19.03 4.44
CA HIS A 263 23.45 19.54 5.16
C HIS A 263 24.22 18.45 5.84
N LEU A 264 24.42 17.33 5.15
CA LEU A 264 25.14 16.20 5.74
C LEU A 264 26.62 16.51 5.91
N PRO A 265 27.13 16.33 7.11
CA PRO A 265 28.57 16.43 7.25
C PRO A 265 29.27 15.28 6.48
N LYS A 266 30.43 15.60 5.92
CA LYS A 266 31.17 14.70 5.07
C LYS A 266 32.13 13.88 5.89
N HIS A 267 32.33 12.65 5.42
CA HIS A 267 33.30 11.76 5.99
C HIS A 267 34.66 12.26 5.60
N LYS A 268 35.62 12.12 6.50
CA LYS A 268 36.97 12.63 6.24
C LYS A 268 37.69 11.91 5.10
N GLU A 269 37.20 10.73 4.70
CA GLU A 269 37.73 10.12 3.48
C GLU A 269 37.18 10.70 2.17
N GLN A 270 36.13 11.53 2.23
CA GLN A 270 35.58 12.10 1.01
C GLN A 270 36.57 13.07 0.42
N VAL A 271 36.80 12.94 -0.88
CA VAL A 271 37.74 13.80 -1.57
C VAL A 271 37.11 14.34 -2.83
N LEU A 272 36.17 13.59 -3.42
CA LEU A 272 35.57 14.02 -4.70
C LEU A 272 34.65 15.21 -4.54
N PRO A 273 34.55 16.07 -5.57
CA PRO A 273 33.66 17.22 -5.49
C PRO A 273 32.18 16.85 -5.53
N ASP A 274 31.33 17.74 -5.02
CA ASP A 274 29.87 17.55 -5.06
C ASP A 274 29.42 17.39 -6.50
N THR A 276 25.61 17.36 -9.07
CA THR A 276 24.19 17.65 -9.02
C THR A 276 23.40 16.91 -10.09
N LYS A 277 23.94 15.80 -10.60
CA LYS A 277 23.12 14.96 -11.47
C LYS A 277 21.98 14.32 -10.70
N GLY A 278 20.95 13.89 -11.45
CA GLY A 278 19.84 13.13 -10.89
C GLY A 278 18.86 14.00 -10.13
N THR A 280 16.88 16.27 -7.86
CA THR A 280 16.93 17.61 -7.25
C THR A 280 18.15 18.46 -7.46
N GLU B 15 -11.75 -20.64 -13.24
CA GLU B 15 -11.31 -19.84 -14.42
C GLU B 15 -12.48 -19.18 -15.15
N PRO B 16 -12.24 -18.01 -15.78
CA PRO B 16 -13.29 -17.25 -16.45
C PRO B 16 -13.87 -17.95 -17.69
N GLN B 17 -15.20 -17.96 -17.78
CA GLN B 17 -15.89 -18.55 -18.91
C GLN B 17 -16.64 -17.45 -19.67
N TYR B 18 -15.90 -16.70 -20.50
CA TYR B 18 -16.48 -15.57 -21.24
C TYR B 18 -17.36 -16.11 -22.35
N GLN B 19 -18.61 -15.69 -22.39
CA GLN B 19 -19.56 -16.26 -23.35
C GLN B 19 -20.21 -15.20 -24.21
N THR B 20 -20.41 -14.00 -23.66
CA THR B 20 -21.21 -13.02 -24.39
C THR B 20 -20.30 -11.87 -24.84
N GLN B 21 -20.46 -11.48 -26.10
CA GLN B 21 -19.77 -10.30 -26.60
C GLN B 21 -20.73 -9.11 -26.62
N VAL B 22 -20.43 -8.09 -25.81
CA VAL B 22 -21.30 -6.92 -25.69
C VAL B 22 -20.52 -5.69 -26.13
N SER B 23 -21.09 -4.98 -27.11
CA SER B 23 -20.55 -3.70 -27.54
C SER B 23 -21.46 -2.60 -27.04
N GLY B 24 -20.86 -1.46 -26.75
CA GLY B 24 -21.64 -0.28 -26.40
C GLY B 24 -20.70 0.80 -25.96
N TYR B 25 -21.24 1.74 -25.23
CA TYR B 25 -20.48 2.92 -24.96
C TYR B 25 -19.94 2.92 -23.54
N ILE B 26 -18.63 3.07 -23.45
CA ILE B 26 -18.00 3.48 -22.20
C ILE B 26 -18.24 4.98 -22.07
N ILE B 27 -18.72 5.41 -20.91
CA ILE B 27 -19.06 6.80 -20.70
C ILE B 27 -18.16 7.33 -19.62
N THR B 28 -17.35 8.32 -19.96
CA THR B 28 -16.45 8.88 -18.98
C THR B 28 -16.72 10.37 -18.84
N VAL B 29 -16.07 10.96 -17.84
CA VAL B 29 -16.27 12.36 -17.54
C VAL B 29 -14.99 13.09 -17.83
N PRO B 30 -14.96 13.85 -18.93
CA PRO B 30 -13.73 14.56 -19.30
C PRO B 30 -13.46 15.72 -18.34
N ASN B 31 -12.18 16.03 -18.14
CA ASN B 31 -11.73 17.05 -17.17
C ASN B 31 -12.45 16.89 -15.85
N GLU B 32 -12.35 15.69 -15.27
CA GLU B 32 -13.16 15.33 -14.13
C GLU B 32 -12.86 16.21 -12.93
N THR B 33 -11.60 16.60 -12.78
CA THR B 33 -11.19 17.45 -11.67
C THR B 33 -11.92 18.79 -11.68
N THR B 34 -11.99 19.43 -12.85
CA THR B 34 -12.72 20.69 -13.00
C THR B 34 -14.25 20.51 -12.82
N GLN B 35 -14.79 19.42 -13.36
CA GLN B 35 -16.24 19.20 -13.17
C GLN B 35 -16.57 18.95 -11.70
N ILE B 36 -15.72 18.20 -11.03
CA ILE B 36 -15.97 17.83 -9.63
C ILE B 36 -15.84 19.03 -8.69
N ARG B 37 -14.87 19.86 -8.92
CA ARG B 37 -14.71 21.07 -8.17
C ARG B 37 -15.94 21.92 -8.31
N LYS B 38 -16.39 22.14 -9.52
CA LYS B 38 -17.57 22.93 -9.71
C LYS B 38 -18.78 22.28 -9.08
N PHE B 39 -18.83 20.97 -9.06
CA PHE B 39 -19.94 20.34 -8.40
C PHE B 39 -19.91 20.69 -6.93
N LEU B 40 -18.76 20.55 -6.33
CA LEU B 40 -18.59 20.80 -4.93
C LEU B 40 -18.77 22.26 -4.56
N ALA B 41 -18.20 23.16 -5.34
CA ALA B 41 -18.20 24.57 -4.98
C ALA B 41 -19.52 25.27 -5.26
N SER B 42 -20.10 25.03 -6.42
CA SER B 42 -21.45 25.47 -6.70
C SER B 42 -22.25 24.19 -6.83
N ASN B 43 -23.48 24.20 -7.18
CA ASN B 43 -24.12 22.89 -7.21
C ASN B 43 -24.27 22.45 -8.65
N GLN B 44 -23.20 22.70 -9.40
CA GLN B 44 -23.16 22.39 -10.82
C GLN B 44 -23.06 20.91 -11.07
N ARG B 45 -24.14 20.34 -11.54
CA ARG B 45 -24.18 18.91 -11.92
C ARG B 45 -23.17 18.64 -13.04
N ILE B 46 -22.53 17.48 -13.01
CA ILE B 46 -21.68 17.07 -14.14
C ILE B 46 -22.47 17.23 -15.44
N ASN B 47 -21.96 18.03 -16.37
CA ASN B 47 -22.67 18.33 -17.63
C ASN B 47 -21.90 17.98 -18.93
N GLN B 48 -20.81 17.21 -18.82
CA GLN B 48 -20.04 16.76 -20.00
C GLN B 48 -19.72 15.30 -19.83
N PHE B 49 -20.15 14.48 -20.77
CA PHE B 49 -19.89 13.03 -20.74
C PHE B 49 -19.38 12.58 -22.10
N LEU B 50 -18.19 12.00 -22.11
CA LEU B 50 -17.57 11.45 -23.33
C LEU B 50 -18.01 10.02 -23.56
N PHE B 51 -18.53 9.76 -24.78
CA PHE B 51 -19.00 8.44 -25.21
C PHE B 51 -17.92 7.79 -26.07
N GLN B 52 -17.47 6.60 -25.69
CA GLN B 52 -16.48 5.85 -26.50
C GLN B 52 -16.98 4.44 -26.72
N HIS B 53 -17.19 4.07 -27.97
CA HIS B 53 -17.73 2.76 -28.27
C HIS B 53 -16.65 1.71 -28.12
N SER B 54 -16.95 0.63 -27.42
CA SER B 54 -16.04 -0.53 -27.36
C SER B 54 -16.73 -1.90 -27.14
N THR B 55 -15.93 -2.95 -26.95
CA THR B 55 -16.41 -4.31 -26.96
C THR B 55 -15.77 -5.14 -25.83
N PHE B 56 -16.61 -5.86 -25.11
CA PHE B 56 -16.14 -6.75 -24.06
C PHE B 56 -16.69 -8.15 -24.26
N ARG B 57 -15.91 -9.14 -23.85
CA ARG B 57 -16.42 -10.50 -23.69
C ARG B 57 -16.67 -10.73 -22.22
N VAL B 58 -17.86 -11.19 -21.90
CA VAL B 58 -18.34 -11.22 -20.51
C VAL B 58 -18.80 -12.62 -20.15
N GLU B 59 -18.55 -13.01 -18.90
CA GLU B 59 -19.10 -14.22 -18.30
C GLU B 59 -20.61 -14.04 -18.16
N LEU B 60 -21.37 -15.13 -18.27
CA LEU B 60 -22.83 -15.03 -18.18
C LEU B 60 -23.38 -15.26 -16.80
N ALA B 61 -22.52 -15.71 -15.89
CA ALA B 61 -22.86 -15.88 -14.48
C ALA B 61 -21.99 -14.95 -13.66
N PRO B 62 -22.56 -14.37 -12.58
CA PRO B 62 -21.72 -13.50 -11.76
C PRO B 62 -20.71 -14.34 -11.00
N PHE B 63 -19.59 -13.71 -10.62
CA PHE B 63 -18.62 -14.32 -9.72
C PHE B 63 -18.79 -13.75 -8.32
N ALA B 64 -19.69 -12.78 -8.18
CA ALA B 64 -19.91 -12.17 -6.87
C ALA B 64 -21.20 -11.38 -6.76
N LYS B 65 -21.64 -11.29 -5.51
CA LYS B 65 -22.73 -10.45 -5.02
C LYS B 65 -22.34 -10.29 -3.55
N GLY B 66 -22.16 -9.07 -3.05
CA GLY B 66 -22.60 -7.85 -3.71
C GLY B 66 -23.66 -7.23 -2.82
N GLY B 67 -24.71 -7.99 -2.51
CA GLY B 67 -25.88 -7.49 -1.80
C GLY B 67 -26.70 -6.56 -2.69
N GLU B 68 -26.09 -5.42 -3.02
CA GLU B 68 -26.64 -4.42 -3.95
C GLU B 68 -26.41 -4.76 -5.44
N ARG B 69 -25.14 -4.97 -5.80
CA ARG B 69 -24.76 -5.22 -7.19
C ARG B 69 -24.46 -6.71 -7.44
N LEU B 70 -24.46 -7.09 -8.72
CA LEU B 70 -23.90 -8.34 -9.21
C LEU B 70 -22.62 -7.99 -9.90
N ALA B 71 -21.60 -8.82 -9.78
CA ALA B 71 -20.34 -8.52 -10.46
C ALA B 71 -20.00 -9.66 -11.41
N PHE B 72 -19.58 -9.32 -12.63
CA PHE B 72 -19.27 -10.30 -13.69
C PHE B 72 -17.86 -10.08 -14.23
N ARG B 73 -17.11 -11.17 -14.40
CA ARG B 73 -15.79 -11.04 -15.03
C ARG B 73 -15.89 -10.77 -16.52
N ALA B 74 -15.05 -9.87 -17.00
CA ALA B 74 -15.05 -9.51 -18.40
C ALA B 74 -13.65 -9.19 -18.88
N ILE B 75 -13.50 -9.14 -20.18
CA ILE B 75 -12.20 -8.96 -20.78
C ILE B 75 -12.38 -8.04 -21.99
N ASN B 76 -11.47 -7.10 -22.19
CA ASN B 76 -11.67 -6.04 -23.19
C ASN B 76 -11.23 -6.29 -24.65
N GLY B 77 -10.73 -7.47 -24.96
CA GLY B 77 -10.34 -7.67 -26.37
C GLY B 77 -8.84 -7.52 -26.59
N ARG B 78 -8.22 -6.53 -25.95
CA ARG B 78 -6.75 -6.50 -25.84
C ARG B 78 -6.27 -7.20 -24.55
N GLY B 79 -7.08 -8.14 -24.07
CA GLY B 79 -6.70 -9.02 -22.96
C GLY B 79 -7.00 -8.56 -21.54
N ASP B 80 -7.11 -7.26 -21.31
CA ASP B 80 -7.26 -6.71 -19.94
C ASP B 80 -8.51 -7.19 -19.24
N ARG B 81 -8.35 -7.54 -17.96
CA ARG B 81 -9.42 -8.07 -17.14
C ARG B 81 -10.16 -6.90 -16.51
N ILE B 82 -11.49 -6.97 -16.55
CA ILE B 82 -12.31 -5.93 -15.93
C ILE B 82 -13.49 -6.57 -15.21
N VAL B 83 -14.26 -5.75 -14.50
CA VAL B 83 -15.43 -6.23 -13.81
C VAL B 83 -16.59 -5.36 -14.24
N LEU B 84 -17.64 -6.00 -14.71
CA LEU B 84 -18.88 -5.32 -15.05
C LEU B 84 -19.83 -5.55 -13.90
N LYS B 85 -20.40 -4.47 -13.38
CA LYS B 85 -21.32 -4.58 -12.24
C LYS B 85 -22.69 -4.08 -12.67
N ARG B 86 -23.74 -4.66 -12.11
CA ARG B 86 -25.07 -4.06 -12.23
C ARG B 86 -25.93 -4.35 -11.04
N PHE B 87 -26.91 -3.50 -10.81
CA PHE B 87 -27.84 -3.71 -9.71
C PHE B 87 -28.69 -4.93 -9.98
N PHE B 88 -29.09 -5.61 -8.90
CA PHE B 88 -30.05 -6.74 -8.96
C PHE B 88 -31.35 -6.35 -9.64
N GLN B 89 -32.11 -5.50 -8.98
CA GLN B 89 -33.31 -4.91 -9.55
C GLN B 89 -32.90 -3.65 -10.29
N GLN B 90 -33.48 -3.45 -11.47
CA GLN B 90 -33.20 -2.28 -12.29
C GLN B 90 -33.43 -0.99 -11.47
N ARG B 91 -32.59 0.00 -11.70
CA ARG B 91 -32.69 1.28 -11.00
C ARG B 91 -32.76 2.42 -12.00
N PRO B 92 -33.40 3.55 -11.62
CA PRO B 92 -33.36 4.75 -12.48
C PRO B 92 -31.92 5.21 -12.75
N LEU B 93 -31.66 5.66 -13.96
CA LEU B 93 -30.32 6.14 -14.33
C LEU B 93 -29.69 7.12 -13.32
N THR B 94 -30.51 8.03 -12.79
CA THR B 94 -29.99 9.00 -11.83
C THR B 94 -29.31 8.29 -10.62
N MET B 95 -29.91 7.20 -10.15
CA MET B 95 -29.30 6.40 -9.09
C MET B 95 -27.89 5.89 -9.44
N LEU B 96 -27.77 5.32 -10.62
CA LEU B 96 -26.47 4.93 -11.18
C LEU B 96 -25.50 6.12 -11.26
N LEU B 97 -25.98 7.27 -11.77
CA LEU B 97 -25.15 8.46 -11.87
C LEU B 97 -24.54 8.90 -10.53
N GLU B 98 -25.30 8.67 -9.45
CA GLU B 98 -24.87 9.03 -8.12
C GLU B 98 -23.68 8.20 -7.71
N THR B 99 -23.64 6.95 -8.19
CA THR B 99 -22.54 6.06 -7.82
C THR B 99 -21.28 6.62 -8.46
N ILE B 100 -21.44 7.16 -9.67
CA ILE B 100 -20.37 7.80 -10.45
C ILE B 100 -19.92 9.16 -9.90
N GLU B 101 -20.89 10.06 -9.62
CA GLU B 101 -20.62 11.37 -9.00
C GLU B 101 -19.89 11.20 -7.66
N ARG B 102 -20.31 10.21 -6.90
CA ARG B 102 -19.71 9.88 -5.64
C ARG B 102 -18.28 9.31 -5.81
N GLN B 103 -18.12 8.37 -6.74
CA GLN B 103 -16.80 7.82 -7.03
C GLN B 103 -15.82 8.91 -7.47
N LEU B 104 -16.27 9.83 -8.34
CA LEU B 104 -15.39 10.93 -8.76
C LEU B 104 -15.00 11.89 -7.62
N ILE B 105 -15.94 12.13 -6.69
CA ILE B 105 -15.65 12.90 -5.49
C ILE B 105 -14.55 12.23 -4.68
N CYS B 106 -14.66 10.91 -4.52
CA CYS B 106 -13.74 10.15 -3.70
C CYS B 106 -12.36 10.14 -4.31
N ILE B 107 -12.28 9.99 -5.63
CA ILE B 107 -11.01 10.03 -6.38
C ILE B 107 -10.33 11.39 -6.22
N TYR B 108 -11.11 12.44 -6.47
CA TYR B 108 -10.68 13.82 -6.28
C TYR B 108 -10.12 14.05 -4.85
N LEU B 109 -10.89 13.64 -3.84
CA LEU B 109 -10.47 13.87 -2.45
C LEU B 109 -9.24 13.05 -2.07
N ALA B 110 -9.21 11.79 -2.51
CA ALA B 110 -8.06 10.90 -2.30
C ALA B 110 -6.79 11.49 -2.91
N ASN B 111 -6.90 12.01 -4.13
CA ASN B 111 -5.75 12.65 -4.80
C ASN B 111 -5.20 13.85 -4.01
N ILE B 112 -6.10 14.69 -3.51
CA ILE B 112 -5.67 15.80 -2.65
C ILE B 112 -4.98 15.29 -1.37
N PHE B 113 -5.63 14.37 -0.66
CA PHE B 113 -5.11 13.79 0.58
C PHE B 113 -3.73 13.14 0.41
N ASN B 114 -3.60 12.33 -0.63
CA ASN B 114 -2.29 11.74 -0.99
C ASN B 114 -1.20 12.79 -1.20
N LYS B 115 -1.53 13.86 -1.94
CA LYS B 115 -0.65 15.04 -2.14
C LYS B 115 -0.21 15.77 -0.87
N LEU B 116 -1.08 15.81 0.14
CA LEU B 116 -0.70 16.39 1.44
C LEU B 116 0.47 15.62 2.05
N ASN B 117 0.60 14.35 1.67
CA ASN B 117 1.70 13.47 2.08
C ASN B 117 1.90 13.40 3.60
N VAL B 118 0.84 13.06 4.29
CA VAL B 118 0.85 12.98 5.74
C VAL B 118 0.92 11.51 6.12
N SER B 119 0.83 10.64 5.12
CA SER B 119 0.95 9.21 5.36
C SER B 119 1.77 8.57 4.25
N PRO B 120 2.58 7.57 4.62
CA PRO B 120 3.24 6.72 3.62
C PRO B 120 2.24 5.89 2.81
N ASN B 121 1.06 5.63 3.36
CA ASN B 121 0.05 4.85 2.66
C ASN B 121 -0.78 5.75 1.77
N LYS B 122 -0.84 5.40 0.50
CA LYS B 122 -1.65 6.14 -0.47
C LYS B 122 -3.01 5.45 -0.68
N LEU B 123 -4.06 6.27 -0.80
CA LEU B 123 -5.41 5.77 -1.04
C LEU B 123 -5.78 5.88 -2.49
N HIS B 124 -6.32 4.81 -3.07
CA HIS B 124 -6.76 4.86 -4.46
C HIS B 124 -8.12 4.26 -4.57
N PHE B 125 -9.08 5.06 -5.02
CA PHE B 125 -10.39 4.52 -5.28
C PHE B 125 -10.38 4.02 -6.73
N LEU B 126 -10.80 2.78 -6.98
CA LEU B 126 -10.80 2.27 -8.35
C LEU B 126 -11.70 3.14 -9.22
N PRO B 127 -11.25 3.44 -10.44
CA PRO B 127 -12.14 4.10 -11.35
C PRO B 127 -13.38 3.24 -11.64
N ASN B 128 -14.52 3.91 -11.79
CA ASN B 128 -15.78 3.32 -12.22
C ASN B 128 -16.28 4.11 -13.42
N TYR B 129 -16.75 3.40 -14.44
CA TYR B 129 -17.33 4.04 -15.63
C TYR B 129 -18.65 3.38 -15.93
N LEU B 130 -19.65 4.15 -16.33
CA LEU B 130 -20.85 3.59 -16.92
C LEU B 130 -20.54 2.95 -18.27
N PHE B 131 -21.17 1.79 -18.51
CA PHE B 131 -21.16 1.19 -19.82
C PHE B 131 -22.62 0.90 -20.21
N ILE B 132 -23.03 1.39 -21.37
CA ILE B 132 -24.39 1.12 -21.86
C ILE B 132 -24.31 0.32 -23.16
N PRO B 133 -24.88 -0.90 -23.18
CA PRO B 133 -24.85 -1.69 -24.40
C PRO B 133 -25.58 -1.02 -25.56
N SER B 134 -25.00 -1.17 -26.74
CA SER B 134 -25.48 -0.54 -27.96
C SER B 134 -24.66 -1.16 -29.07
N PRO B 135 -25.33 -1.73 -30.07
CA PRO B 135 -24.63 -2.26 -31.24
C PRO B 135 -24.24 -1.11 -32.19
N THR B 136 -24.99 0.01 -32.17
CA THR B 136 -24.66 1.18 -32.99
C THR B 136 -23.64 2.10 -32.30
N LYS B 137 -22.93 2.88 -33.10
CA LYS B 137 -21.72 3.53 -32.63
C LYS B 137 -21.67 5.00 -33.02
N ASP B 138 -22.79 5.55 -33.43
CA ASP B 138 -22.83 6.94 -33.92
C ASP B 138 -22.55 8.01 -32.84
N LEU B 139 -22.56 7.62 -31.56
CA LEU B 139 -22.19 8.59 -30.51
C LEU B 139 -20.70 8.58 -30.16
N ASP B 140 -19.94 7.69 -30.83
CA ASP B 140 -18.51 7.52 -30.53
C ASP B 140 -17.72 8.80 -30.67
N GLY B 141 -16.89 9.09 -29.67
CA GLY B 141 -16.09 10.33 -29.67
C GLY B 141 -16.84 11.62 -29.33
N LYS B 142 -18.13 11.54 -29.03
CA LYS B 142 -18.88 12.78 -28.70
C LYS B 142 -18.97 13.11 -27.20
N ILE B 143 -18.83 14.40 -26.87
CA ILE B 143 -19.06 14.86 -25.51
C ILE B 143 -20.49 15.41 -25.42
N LEU B 144 -21.33 14.70 -24.67
CA LEU B 144 -22.73 15.01 -24.60
C LEU B 144 -23.02 15.72 -23.28
N THR B 145 -24.06 16.57 -23.29
CA THR B 145 -24.53 17.18 -22.06
C THR B 145 -25.23 16.14 -21.20
N LEU B 146 -25.53 16.48 -19.96
CA LEU B 146 -26.30 15.57 -19.13
C LEU B 146 -27.62 15.17 -19.78
N GLU B 147 -28.30 16.16 -20.37
CA GLU B 147 -29.61 15.95 -21.00
C GLU B 147 -29.52 14.90 -22.10
N GLN B 148 -28.56 15.10 -22.99
CA GLN B 148 -28.38 14.21 -24.14
C GLN B 148 -27.90 12.84 -23.72
N THR B 149 -27.07 12.80 -22.66
CA THR B 149 -26.56 11.55 -22.07
C THR B 149 -27.72 10.70 -21.55
N GLU B 150 -28.62 11.31 -20.77
CA GLU B 150 -29.81 10.62 -20.27
C GLU B 150 -30.71 10.15 -21.38
N GLN B 151 -30.92 10.98 -22.39
CA GLN B 151 -31.70 10.58 -23.59
C GLN B 151 -31.02 9.41 -24.29
N ALA B 152 -29.70 9.48 -24.50
CA ALA B 152 -28.98 8.41 -25.19
C ALA B 152 -29.08 7.08 -24.45
N VAL B 153 -28.92 7.13 -23.12
CA VAL B 153 -29.05 5.92 -22.32
C VAL B 153 -30.45 5.35 -22.39
N ALA B 154 -31.46 6.21 -22.25
CA ALA B 154 -32.85 5.75 -22.38
C ALA B 154 -33.17 5.20 -23.78
N ALA B 155 -32.70 5.84 -24.85
CA ALA B 155 -33.04 5.39 -26.21
C ALA B 155 -32.55 3.96 -26.46
N THR B 156 -31.54 3.57 -25.71
CA THR B 156 -30.92 2.27 -25.80
C THR B 156 -31.89 1.13 -25.37
N CYS B 157 -32.79 1.43 -24.41
CA CYS B 157 -33.63 0.46 -23.70
C CYS B 157 -32.86 -0.74 -23.16
N ARG B 158 -31.60 -0.50 -22.81
CA ARG B 158 -30.78 -1.53 -22.24
C ARG B 158 -30.37 -1.12 -20.83
N THR B 159 -29.92 -2.09 -20.04
CA THR B 159 -29.52 -1.90 -18.65
C THR B 159 -28.11 -1.36 -18.59
N PRO B 160 -27.90 -0.19 -17.95
CA PRO B 160 -26.54 0.34 -17.80
C PRO B 160 -25.73 -0.54 -16.85
N ASN B 161 -24.46 -0.77 -17.17
CA ASN B 161 -23.56 -1.45 -16.25
C ASN B 161 -22.51 -0.43 -15.79
N PHE B 162 -21.74 -0.83 -14.81
CA PHE B 162 -20.52 -0.15 -14.38
C PHE B 162 -19.33 -1.00 -14.73
N VAL B 163 -18.27 -0.36 -15.22
CA VAL B 163 -17.04 -1.06 -15.48
C VAL B 163 -15.96 -0.57 -14.55
N GLU B 164 -15.21 -1.51 -13.96
CA GLU B 164 -14.06 -1.16 -13.14
C GLU B 164 -12.92 -2.15 -13.38
N PRO B 165 -11.67 -1.73 -13.12
CA PRO B 165 -10.61 -2.70 -13.38
C PRO B 165 -10.71 -3.87 -12.40
N TYR B 166 -10.22 -5.04 -12.81
CA TYR B 166 -10.16 -6.22 -11.96
C TYR B 166 -9.31 -5.97 -10.71
N LEU B 167 -9.78 -6.40 -9.55
CA LEU B 167 -9.03 -6.22 -8.30
C LEU B 167 -9.00 -7.52 -7.49
N SER B 168 -7.84 -8.16 -7.45
CA SER B 168 -7.66 -9.37 -6.63
C SER B 168 -7.11 -9.01 -5.25
N GLY B 169 -7.40 -9.84 -4.26
CA GLY B 169 -6.83 -9.66 -2.93
C GLY B 169 -7.82 -9.87 -1.81
N TYR B 170 -7.35 -9.65 -0.59
CA TYR B 170 -8.15 -9.83 0.61
C TYR B 170 -9.03 -8.57 0.81
N PHE B 171 -10.32 -8.71 0.51
CA PHE B 171 -11.23 -7.58 0.58
C PHE B 171 -11.73 -7.37 2.00
N ILE B 172 -11.48 -6.18 2.57
CA ILE B 172 -11.84 -5.89 3.96
C ILE B 172 -12.74 -4.66 4.01
N LYS B 173 -13.74 -4.66 4.89
CA LYS B 173 -14.44 -3.42 5.21
C LYS B 173 -13.76 -2.80 6.41
N TYR B 174 -13.22 -1.58 6.25
CA TYR B 174 -12.47 -0.91 7.32
C TYR B 174 -13.36 -0.05 8.23
N ILE B 175 -14.34 0.60 7.60
CA ILE B 175 -15.27 1.55 8.21
C ILE B 175 -16.61 1.35 7.47
N ASP B 176 -17.72 1.33 8.20
CA ASP B 176 -19.02 1.26 7.50
C ASP B 176 -19.58 2.68 7.34
N ASN B 177 -20.87 2.82 7.09
CA ASN B 177 -21.46 4.15 6.94
C ASN B 177 -22.28 4.62 8.14
N ASN B 178 -22.02 4.02 9.32
CA ASN B 178 -22.87 4.24 10.48
C ASN B 178 -22.10 4.14 11.80
N GLY B 179 -20.81 4.53 11.76
CA GLY B 179 -19.96 4.56 12.96
C GLY B 179 -19.19 3.31 13.35
N TRP B 180 -19.40 2.21 12.64
CA TRP B 180 -18.65 0.98 12.91
C TRP B 180 -17.19 1.07 12.51
N ILE B 181 -16.32 0.45 13.30
CA ILE B 181 -14.88 0.44 13.04
C ILE B 181 -14.38 -1.00 13.06
N ASN B 182 -13.73 -1.42 11.98
CA ASN B 182 -13.01 -2.69 11.97
C ASN B 182 -11.79 -2.55 12.88
N GLU B 183 -11.93 -3.08 14.09
CA GLU B 183 -10.93 -2.99 15.13
C GLU B 183 -9.68 -3.78 14.76
N SER B 184 -9.88 -4.93 14.13
CA SER B 184 -8.81 -5.85 13.79
C SER B 184 -7.94 -5.39 12.60
N GLU B 185 -8.53 -4.59 11.71
CA GLU B 185 -7.85 -4.09 10.51
C GLU B 185 -7.79 -2.55 10.53
N PHE B 186 -7.49 -2.01 11.70
CA PHE B 186 -7.44 -0.57 11.89
C PHE B 186 -6.26 0.03 11.14
N HIS B 187 -6.52 1.12 10.43
CA HIS B 187 -5.47 1.92 9.80
C HIS B 187 -5.78 3.36 10.01
N SER B 188 -4.90 4.04 10.72
CA SER B 188 -5.15 5.43 11.05
C SER B 188 -5.28 6.31 9.78
N THR B 189 -4.60 5.93 8.70
CA THR B 189 -4.68 6.68 7.45
C THR B 189 -6.13 6.80 6.94
N LEU B 190 -6.87 5.70 7.07
CA LEU B 190 -8.23 5.64 6.58
C LEU B 190 -9.16 6.48 7.44
N HIS B 191 -8.98 6.41 8.75
CA HIS B 191 -9.82 7.20 9.66
C HIS B 191 -9.54 8.67 9.56
N ALA B 192 -8.29 9.04 9.38
CA ALA B 192 -7.93 10.45 9.23
C ALA B 192 -8.44 10.99 7.89
N PHE B 193 -8.37 10.18 6.83
CA PHE B 193 -8.99 10.56 5.56
C PHE B 193 -10.47 10.92 5.75
N ALA B 194 -11.21 10.04 6.40
CA ALA B 194 -12.64 10.28 6.59
C ALA B 194 -12.84 11.61 7.32
N HIS B 195 -12.20 11.74 8.49
CA HIS B 195 -12.28 13.00 9.23
C HIS B 195 -11.91 14.15 8.29
N TRP B 196 -10.83 13.98 7.54
CA TRP B 196 -10.35 15.05 6.68
C TRP B 196 -11.34 15.41 5.59
N THR B 197 -12.07 14.45 5.01
CA THR B 197 -13.05 14.85 3.94
C THR B 197 -14.07 15.86 4.45
N TRP B 198 -14.50 15.70 5.69
CA TRP B 198 -15.43 16.64 6.32
C TRP B 198 -14.84 18.03 6.53
N VAL B 199 -13.59 18.12 6.95
CA VAL B 199 -12.90 19.41 7.07
C VAL B 199 -12.70 20.05 5.71
N HIS B 200 -12.16 19.26 4.78
CA HIS B 200 -11.92 19.80 3.45
C HIS B 200 -13.14 20.42 2.83
N THR B 201 -14.31 19.80 3.03
CA THR B 201 -15.53 20.27 2.38
C THR B 201 -16.33 21.17 3.33
N LYS B 202 -15.66 21.67 4.37
CA LYS B 202 -16.26 22.56 5.37
C LYS B 202 -17.56 21.99 5.92
N GLY B 203 -17.60 20.69 6.14
CA GLY B 203 -18.75 20.08 6.80
C GLY B 203 -19.85 19.62 5.85
N ALA B 204 -19.69 19.85 4.55
CA ALA B 204 -20.73 19.48 3.55
C ALA B 204 -20.96 17.95 3.43
N LEU B 205 -19.91 17.15 3.61
CA LEU B 205 -20.00 15.72 3.37
C LEU B 205 -18.89 14.98 4.13
N LEU B 206 -19.05 13.67 4.24
CA LEU B 206 -18.00 12.80 4.81
C LEU B 206 -17.98 11.51 4.01
N ILE B 207 -16.77 11.08 3.63
CA ILE B 207 -16.59 9.79 2.94
C ILE B 207 -16.40 8.67 3.98
N CYS B 208 -17.21 7.61 3.89
CA CYS B 208 -17.04 6.41 4.74
C CYS B 208 -17.39 5.16 3.91
N ASP B 209 -17.80 4.05 4.53
CA ASP B 209 -17.83 2.72 3.85
C ASP B 209 -16.52 2.47 3.10
N ILE B 210 -15.42 2.73 3.79
CA ILE B 210 -14.10 2.62 3.22
C ILE B 210 -13.73 1.13 3.26
N GLN B 211 -13.58 0.53 2.09
CA GLN B 211 -13.45 -0.92 1.97
C GLN B 211 -12.69 -1.25 0.70
N GLY B 212 -11.84 -2.27 0.79
CA GLY B 212 -11.07 -2.70 -0.37
C GLY B 212 -9.88 -3.59 -0.01
N VAL B 213 -8.79 -3.40 -0.72
CA VAL B 213 -7.62 -4.23 -0.57
C VAL B 213 -6.37 -3.40 -0.32
N ASN B 214 -5.62 -3.80 0.68
CA ASN B 214 -4.38 -3.17 1.06
C ASN B 214 -3.19 -3.92 0.46
N ALA B 215 -2.37 -3.25 -0.31
CA ALA B 215 -1.24 -3.87 -0.96
C ALA B 215 -0.06 -2.95 -0.97
N ASN B 216 1.09 -3.50 -0.65
CA ASN B 216 2.30 -2.72 -0.71
C ASN B 216 2.02 -1.59 0.24
N ASN B 217 2.11 -0.37 -0.26
CA ASN B 217 1.81 0.78 0.56
C ASN B 217 0.60 1.52 0.05
N LYS B 218 -0.45 0.77 -0.27
CA LYS B 218 -1.56 1.27 -1.04
C LYS B 218 -2.90 0.69 -0.65
N PHE B 219 -3.94 1.49 -0.71
CA PHE B 219 -5.30 0.99 -0.51
C PHE B 219 -6.09 1.15 -1.78
N TYR B 220 -6.56 0.04 -2.33
CA TYR B 220 -7.40 0.06 -3.51
C TYR B 220 -8.82 -0.07 -3.01
N LEU B 221 -9.57 1.04 -3.08
CA LEU B 221 -10.86 1.12 -2.41
C LEU B 221 -12.00 1.14 -3.42
N THR B 222 -13.12 0.56 -3.02
CA THR B 222 -14.26 0.35 -3.91
C THR B 222 -15.57 0.60 -3.15
N ASP B 223 -16.65 0.91 -3.87
CA ASP B 223 -17.98 1.08 -3.26
C ASP B 223 -18.01 1.98 -2.02
N PRO B 224 -17.41 3.18 -2.08
CA PRO B 224 -17.55 4.01 -0.87
C PRO B 224 -18.98 4.53 -0.64
N ALA B 225 -19.21 5.02 0.59
CA ALA B 225 -20.42 5.80 0.93
C ALA B 225 -20.06 7.28 1.18
N LEU B 226 -21.00 8.13 0.84
CA LEU B 226 -20.89 9.57 1.09
C LEU B 226 -22.15 10.04 1.84
N HIS B 227 -21.97 10.58 3.04
CA HIS B 227 -23.04 11.33 3.73
C HIS B 227 -22.94 12.78 3.38
N HIS B 228 -24.06 13.35 2.93
CA HIS B 228 -24.13 14.79 2.60
C HIS B 228 -25.10 15.53 3.51
N ILE B 229 -24.72 16.70 4.02
CA ILE B 229 -25.61 17.49 4.90
C ILE B 229 -26.87 17.96 4.16
N ASP B 230 -26.77 18.16 2.86
CA ASP B 230 -27.88 18.74 2.13
C ASP B 230 -28.87 17.63 1.75
N GLN B 231 -30.08 17.72 2.30
CA GLN B 231 -31.12 16.67 2.15
C GLN B 231 -31.63 16.51 0.73
N ASN B 232 -31.36 17.52 -0.10
CA ASN B 232 -31.74 17.52 -1.49
C ASN B 232 -30.61 17.08 -2.43
N LYS B 233 -29.53 16.52 -1.88
CA LYS B 233 -28.40 16.00 -2.70
C LYS B 233 -28.19 14.53 -2.39
N PHE B 234 -27.74 13.76 -3.39
CA PHE B 234 -27.53 12.30 -3.26
C PHE B 234 -28.79 11.65 -2.69
N ILE B 235 -29.88 11.93 -3.38
CA ILE B 235 -31.25 11.61 -3.01
C ILE B 235 -31.51 10.12 -2.99
N TYR B 236 -30.90 9.39 -3.91
CA TYR B 236 -31.21 7.97 -4.08
C TYR B 236 -30.38 7.07 -3.19
N SER B 237 -29.12 7.43 -2.98
CA SER B 237 -28.19 6.52 -2.31
C SER B 237 -28.65 6.18 -0.90
N GLU B 238 -28.91 4.89 -0.69
CA GLU B 238 -29.28 4.32 0.60
C GLU B 238 -28.20 4.47 1.65
N THR B 239 -26.95 4.57 1.21
CA THR B 239 -25.83 4.67 2.15
C THR B 239 -25.59 6.12 2.58
N ASN B 240 -26.22 7.10 1.89
CA ASN B 240 -26.23 8.51 2.35
C ASN B 240 -27.23 8.70 3.48
N LEU B 241 -26.74 8.81 4.71
CA LEU B 241 -27.62 9.07 5.86
C LEU B 241 -27.55 10.50 6.37
N GLY B 242 -26.99 11.41 5.58
CA GLY B 242 -27.08 12.85 5.89
C GLY B 242 -26.31 13.18 7.18
N GLU B 243 -26.76 14.21 7.89
CA GLU B 243 -26.05 14.68 9.09
C GLU B 243 -25.99 13.62 10.19
N VAL B 244 -26.94 12.70 10.17
CA VAL B 244 -26.98 11.58 11.12
C VAL B 244 -25.80 10.64 10.86
N GLY B 245 -25.54 10.36 9.58
CA GLY B 245 -24.39 9.58 9.19
C GLY B 245 -23.10 10.27 9.61
N ILE B 246 -23.02 11.58 9.41
CA ILE B 246 -21.85 12.35 9.80
C ILE B 246 -21.64 12.30 11.31
N SER B 247 -22.71 12.55 12.05
CA SER B 247 -22.67 12.46 13.51
C SER B 247 -22.26 11.08 14.02
N GLN B 248 -22.72 10.03 13.35
CA GLN B 248 -22.42 8.66 13.76
C GLN B 248 -20.95 8.32 13.57
N PHE B 249 -20.34 8.81 12.49
CA PHE B 249 -18.90 8.63 12.31
C PHE B 249 -18.15 9.27 13.47
N PHE B 250 -18.54 10.49 13.82
CA PHE B 250 -17.75 11.25 14.77
C PHE B 250 -17.87 10.79 16.20
N ARG B 251 -19.02 10.18 16.49
CA ARG B 251 -19.28 9.64 17.84
C ARG B 251 -18.27 8.60 18.22
N THR B 252 -17.94 7.72 17.29
CA THR B 252 -16.95 6.68 17.56
C THR B 252 -15.53 7.02 17.13
N HIS B 253 -15.31 8.24 16.61
CA HIS B 253 -14.02 8.60 16.06
C HIS B 253 -13.05 9.06 17.13
N GLN B 254 -11.84 8.54 17.06
CA GLN B 254 -10.69 9.08 17.80
C GLN B 254 -9.73 9.77 16.83
N CYS B 255 -9.39 11.01 17.11
CA CYS B 255 -8.33 11.61 16.33
C CYS B 255 -7.00 10.88 16.58
N ASN B 256 -6.29 10.58 15.50
CA ASN B 256 -5.07 9.81 15.58
C ASN B 256 -3.88 10.71 15.20
N ALA B 257 -2.70 10.10 15.03
CA ALA B 257 -1.50 10.84 14.74
C ALA B 257 -1.59 11.54 13.39
N ILE B 258 -2.32 10.93 12.44
CA ILE B 258 -2.50 11.55 11.12
C ILE B 258 -3.47 12.73 11.21
N CYS B 259 -4.59 12.54 11.90
CA CYS B 259 -5.53 13.64 12.19
C CYS B 259 -4.73 14.82 12.78
N GLN B 260 -3.86 14.51 13.73
CA GLN B 260 -3.06 15.53 14.42
C GLN B 260 -2.09 16.28 13.53
N GLY B 261 -1.41 15.54 12.65
CA GLY B 261 -0.49 16.12 11.69
C GLY B 261 -1.20 16.92 10.61
N LEU B 262 -2.51 16.69 10.47
CA LEU B 262 -3.34 17.48 9.57
C LEU B 262 -4.02 18.64 10.30
N HIS B 263 -3.86 18.70 11.63
CA HIS B 263 -4.44 19.73 12.48
C HIS B 263 -5.94 19.83 12.38
N LEU B 264 -6.60 18.68 12.25
CA LEU B 264 -8.03 18.67 11.87
C LEU B 264 -8.93 19.12 13.01
N PRO B 265 -9.78 20.15 12.79
CA PRO B 265 -10.77 20.50 13.82
C PRO B 265 -11.77 19.37 14.02
N LYS B 266 -12.21 19.16 15.25
CA LYS B 266 -13.15 18.11 15.59
C LYS B 266 -14.60 18.50 15.38
N HIS B 267 -15.44 17.52 15.12
CA HIS B 267 -16.87 17.70 15.03
C HIS B 267 -17.41 17.79 16.46
N LYS B 268 -18.50 18.53 16.64
CA LYS B 268 -19.17 18.73 17.94
C LYS B 268 -19.49 17.44 18.72
N GLU B 269 -19.81 16.36 18.02
CA GLU B 269 -20.20 15.08 18.64
C GLU B 269 -19.02 14.16 18.98
N GLN B 270 -17.80 14.60 18.69
CA GLN B 270 -16.62 13.78 19.01
C GLN B 270 -16.33 13.87 20.51
N VAL B 271 -16.30 12.72 21.22
CA VAL B 271 -16.14 12.71 22.69
C VAL B 271 -14.98 11.84 23.21
N LEU B 272 -14.53 10.87 22.40
CA LEU B 272 -13.49 9.96 22.83
C LEU B 272 -12.10 10.61 22.81
N PRO B 273 -11.19 10.17 23.70
CA PRO B 273 -9.84 10.74 23.68
C PRO B 273 -9.04 10.38 22.42
N ASP B 274 -8.07 11.23 22.06
CA ASP B 274 -7.19 10.96 20.94
C ASP B 274 -6.43 9.64 21.16
N THR B 276 -2.88 7.07 19.75
CA THR B 276 -1.55 7.04 19.15
C THR B 276 -1.23 5.72 18.43
N LYS B 277 -2.17 4.78 18.45
CA LYS B 277 -1.99 3.56 17.66
C LYS B 277 -1.98 3.88 16.17
N GLY B 278 -1.35 2.99 15.40
CA GLY B 278 -1.45 3.01 13.95
C GLY B 278 -0.32 3.75 13.27
N THR B 280 2.15 6.14 11.82
CA THR B 280 2.73 7.33 12.40
C THR B 280 2.82 8.45 11.34
N LEU B 281 2.74 9.71 11.77
CA LEU B 281 2.70 10.83 10.85
C LEU B 281 3.94 10.89 9.95
N GLU B 282 3.71 11.02 8.66
CA GLU B 282 4.76 11.07 7.65
C GLU B 282 5.39 12.48 7.62
#